data_4CZX
#
_entry.id   4CZX
#
_cell.length_a   55.925
_cell.length_b   160.651
_cell.length_c   124.515
_cell.angle_alpha   90.00
_cell.angle_beta   90.00
_cell.angle_gamma   90.00
#
_symmetry.space_group_name_H-M   'C 2 2 21'
#
loop_
_entity.id
_entity.type
_entity.pdbx_description
1 polymer 'PAB-DEPENDENT POLY(A)-SPECIFIC RIBONUCLEASE SUBUNIT PAN2'
2 polymer 'PAB-DEPENDENT POLY(A)-SPECIFIC RIBONUCLEASE SUBUNIT PAN3'
3 non-polymer '2-(N-MORPHOLINO)-ETHANESULFONIC ACID'
4 non-polymer 'PHOSPHATE ION'
5 non-polymer GLYCEROL
6 water water
#
loop_
_entity_poly.entity_id
_entity_poly.type
_entity_poly.pdbx_seq_one_letter_code
_entity_poly.pdbx_strand_id
1 'polypeptide(L)'
;PHMMDSRDWTQLGCVAYPSPIHPDYHAGPASTIAFDNQDELLWIGTQKGFAGSFIGRELKRFTAFRIHPETDGPLRQFLF
VDKGVIFLGSRSVYMAARSGVPIWSIRHESMQDLRAMSFTSKGTSEILVAGWQNKMLVIDVNKGEVVKELPTQDQYSFLK
MSRYICAATNKGTVNILDPITFTIKKQWQAHGAFINDLDTSNDFIVTCGGSHRQTHNTPAILDPYVKVFDLKNMSAMNPV
PFAPLAAHVRMHPRMLTTAIVVNQAGQIHVTDLLNPSNSQVCYTQPQGVVLHFDVSRTGEGKALADNKHNTYVWGSPNKI
QFTE
;
A
2 'polypeptide(L)'
;MGSSHHHHHHSSGTGSGENLYFQGHMLEELENGRIARLMFKLSVVNERGDSCGVHNWSETGERLLLKLFRDYVFHQVDAD
GKARLDTNHYLNCLSKLDASSEEQILLTSRDNATVFVVSYRSIRQMLDRAYGELGKESKPSATGATI
;
B
#
loop_
_chem_comp.id
_chem_comp.type
_chem_comp.name
_chem_comp.formula
GOL non-polymer GLYCEROL 'C3 H8 O3'
MES non-polymer '2-(N-MORPHOLINO)-ETHANESULFONIC ACID' 'C6 H13 N O4 S'
PO4 non-polymer 'PHOSPHATE ION' 'O4 P -3'
#
# COMPACT_ATOMS: atom_id res chain seq x y z
N PRO A 1 32.57 8.95 -5.43
CA PRO A 1 31.40 9.21 -4.58
C PRO A 1 31.58 10.44 -3.70
N HIS A 2 30.50 10.87 -3.06
CA HIS A 2 30.53 12.00 -2.15
C HIS A 2 29.54 11.79 -1.00
N MET A 3 30.02 11.93 0.22
CA MET A 3 29.17 11.76 1.40
C MET A 3 28.07 12.82 1.47
N MET A 4 27.02 12.53 2.20
CA MET A 4 25.91 13.47 2.33
C MET A 4 26.02 14.33 3.58
N ASP A 5 25.80 15.63 3.39
CA ASP A 5 25.82 16.57 4.49
C ASP A 5 24.61 16.32 5.39
N SER A 6 24.86 16.22 6.70
CA SER A 6 23.81 15.93 7.67
C SER A 6 22.70 16.97 7.67
N ARG A 7 23.02 18.17 7.16
CA ARG A 7 22.02 19.21 7.01
C ARG A 7 21.08 18.91 5.83
N ASP A 8 21.39 17.85 5.08
CA ASP A 8 20.57 17.43 3.95
C ASP A 8 19.98 16.05 4.14
N TRP A 9 20.44 15.36 5.18
CA TRP A 9 20.11 13.96 5.37
C TRP A 9 20.06 13.58 6.85
N THR A 10 18.86 13.27 7.32
CA THR A 10 18.69 12.85 8.71
C THR A 10 17.44 12.00 8.85
N GLN A 11 17.35 11.24 9.96
CA GLN A 11 16.17 10.44 10.23
C GLN A 11 15.05 11.34 10.74
N LEU A 12 13.93 11.35 10.02
CA LEU A 12 12.86 12.29 10.28
C LEU A 12 11.73 11.69 11.12
N GLY A 13 11.57 10.37 11.03
CA GLY A 13 10.51 9.70 11.76
C GLY A 13 10.69 8.20 11.74
N CYS A 14 9.98 7.52 12.63
CA CYS A 14 10.06 6.07 12.71
CA CYS A 14 10.04 6.07 12.70
C CYS A 14 8.79 5.53 13.37
N VAL A 15 8.38 4.35 12.95
CA VAL A 15 7.24 3.71 13.58
C VAL A 15 7.45 2.20 13.55
N ALA A 16 6.97 1.51 14.57
CA ALA A 16 6.94 0.06 14.58
C ALA A 16 5.59 -0.38 14.03
N TYR A 17 5.61 -1.13 12.92
CA TYR A 17 4.34 -1.58 12.35
C TYR A 17 4.55 -2.86 11.56
N PRO A 18 3.98 -3.98 12.03
CA PRO A 18 3.14 -4.11 13.24
C PRO A 18 3.97 -4.10 14.53
N SER A 19 3.53 -3.34 15.53
CA SER A 19 4.18 -3.29 16.84
C SER A 19 3.80 -4.52 17.70
N PRO A 20 4.49 -4.73 18.84
CA PRO A 20 4.16 -5.91 19.66
C PRO A 20 2.70 -6.03 20.11
N ILE A 21 1.96 -4.92 20.17
CA ILE A 21 0.57 -4.96 20.61
C ILE A 21 -0.41 -5.03 19.45
N HIS A 22 0.12 -5.23 18.25
CA HIS A 22 -0.70 -5.38 17.03
C HIS A 22 -1.06 -6.86 16.85
N PRO A 23 -2.29 -7.15 16.42
CA PRO A 23 -2.70 -8.55 16.26
C PRO A 23 -1.88 -9.35 15.26
N ASP A 24 -1.16 -8.66 14.36
CA ASP A 24 -0.38 -9.36 13.34
C ASP A 24 1.10 -9.42 13.67
N TYR A 25 1.51 -8.92 14.83
CA TYR A 25 2.93 -8.90 15.20
C TYR A 25 3.64 -10.26 15.05
N HIS A 26 2.99 -11.32 15.50
CA HIS A 26 3.49 -12.69 15.49
CA HIS A 26 3.72 -12.58 15.49
C HIS A 26 3.83 -13.19 14.09
N ALA A 27 3.18 -12.58 13.10
CA ALA A 27 3.28 -13.06 11.73
C ALA A 27 4.47 -12.47 10.97
N GLY A 28 5.13 -11.45 11.54
CA GLY A 28 6.37 -10.95 10.97
C GLY A 28 6.37 -9.47 10.65
N PRO A 29 7.45 -8.99 10.02
CA PRO A 29 7.60 -7.56 9.68
C PRO A 29 6.68 -7.14 8.54
N ALA A 30 6.75 -5.86 8.19
CA ALA A 30 5.96 -5.34 7.07
C ALA A 30 6.17 -6.16 5.79
N SER A 31 5.12 -6.26 5.00
CA SER A 31 5.12 -7.02 3.76
C SER A 31 5.38 -6.12 2.56
N THR A 32 5.08 -4.83 2.73
CA THR A 32 5.30 -3.85 1.66
C THR A 32 5.09 -2.44 2.25
N ILE A 33 5.72 -1.44 1.64
CA ILE A 33 5.43 -0.05 1.96
C ILE A 33 5.33 0.77 0.68
N ALA A 34 4.54 1.84 0.72
CA ALA A 34 4.43 2.75 -0.42
C ALA A 34 3.93 4.13 -0.01
N PHE A 35 4.61 5.15 -0.51
CA PHE A 35 4.12 6.52 -0.40
C PHE A 35 2.85 6.71 -1.21
N ASP A 36 1.82 7.30 -0.60
CA ASP A 36 0.64 7.74 -1.31
C ASP A 36 1.03 8.88 -2.27
N ASN A 37 0.20 9.14 -3.27
CA ASN A 37 0.46 10.36 -4.05
C ASN A 37 -0.40 11.55 -3.60
N GLN A 38 -1.07 11.43 -2.45
CA GLN A 38 -1.71 12.59 -1.84
C GLN A 38 -1.74 12.47 -0.32
N ASP A 39 -2.03 13.60 0.33
CA ASP A 39 -2.30 13.68 1.75
C ASP A 39 -1.11 13.33 2.64
N GLU A 40 0.09 13.32 2.07
CA GLU A 40 1.31 13.11 2.84
C GLU A 40 1.34 11.75 3.55
N LEU A 41 0.72 10.74 2.94
CA LEU A 41 0.61 9.44 3.59
C LEU A 41 1.67 8.45 3.16
N LEU A 42 2.16 7.69 4.13
CA LEU A 42 2.93 6.47 3.87
C LEU A 42 2.12 5.27 4.32
N TRP A 43 1.95 4.29 3.43
CA TRP A 43 1.20 3.08 3.73
C TRP A 43 2.10 1.88 3.98
N ILE A 44 1.77 1.10 5.01
CA ILE A 44 2.55 -0.08 5.40
C ILE A 44 1.64 -1.29 5.52
N GLY A 45 2.02 -2.42 4.92
CA GLY A 45 1.21 -3.62 5.03
C GLY A 45 1.80 -4.66 5.97
N THR A 46 0.95 -5.49 6.57
CA THR A 46 1.41 -6.61 7.43
C THR A 46 1.29 -7.96 6.73
N GLN A 47 1.87 -8.98 7.36
CA GLN A 47 1.89 -10.33 6.80
C GLN A 47 0.52 -10.99 6.82
N LYS A 48 -0.48 -10.33 7.41
CA LYS A 48 -1.85 -10.87 7.45
C LYS A 48 -2.85 -9.90 6.83
N GLY A 49 -2.34 -8.88 6.15
CA GLY A 49 -3.23 -8.00 5.41
C GLY A 49 -3.74 -6.75 6.13
N PHE A 50 -3.15 -6.39 7.26
CA PHE A 50 -3.49 -5.06 7.81
C PHE A 50 -2.79 -3.97 7.00
N ALA A 51 -3.53 -2.90 6.73
CA ALA A 51 -2.98 -1.69 6.12
C ALA A 51 -2.96 -0.60 7.17
N GLY A 52 -1.80 0.02 7.37
CA GLY A 52 -1.70 1.19 8.22
C GLY A 52 -1.20 2.39 7.43
N SER A 53 -1.80 3.57 7.65
CA SER A 53 -1.36 4.80 7.01
C SER A 53 -0.81 5.77 8.06
N PHE A 54 0.20 6.53 7.65
CA PHE A 54 0.93 7.44 8.55
C PHE A 54 1.23 8.78 7.87
N ILE A 55 1.05 9.88 8.60
CA ILE A 55 1.13 11.23 8.03
C ILE A 55 2.46 11.91 8.25
N GLY A 56 3.01 12.45 7.17
CA GLY A 56 4.15 13.35 7.28
C GLY A 56 5.44 12.63 7.63
N ARG A 57 6.50 13.40 7.79
CA ARG A 57 7.83 12.86 8.03
C ARG A 57 7.92 12.22 9.42
N GLU A 58 7.05 12.61 10.33
CA GLU A 58 7.09 12.06 11.69
C GLU A 58 6.23 10.80 11.83
N LEU A 59 5.57 10.43 10.73
CA LEU A 59 4.77 9.21 10.67
C LEU A 59 3.69 9.13 11.76
N LYS A 60 2.94 10.22 11.89
CA LYS A 60 1.79 10.28 12.78
C LYS A 60 0.73 9.31 12.27
N ARG A 61 0.21 8.46 13.16
CA ARG A 61 -0.79 7.48 12.74
C ARG A 61 -2.04 8.14 12.15
N PHE A 62 -2.56 7.61 11.04
CA PHE A 62 -3.78 8.17 10.48
C PHE A 62 -4.89 7.13 10.54
N THR A 63 -4.93 6.21 9.58
CA THR A 63 -5.95 5.17 9.59
C THR A 63 -5.32 3.79 9.54
N ALA A 64 -6.11 2.77 9.86
CA ALA A 64 -5.61 1.41 9.80
C ALA A 64 -6.79 0.45 9.74
N PHE A 65 -6.70 -0.54 8.86
CA PHE A 65 -7.78 -1.51 8.68
C PHE A 65 -7.29 -2.71 7.90
N ARG A 66 -7.93 -3.85 8.15
CA ARG A 66 -7.55 -5.08 7.46
C ARG A 66 -8.24 -5.13 6.10
N ILE A 67 -7.49 -5.48 5.05
CA ILE A 67 -8.04 -5.37 3.70
C ILE A 67 -8.43 -6.72 3.08
N HIS A 68 -8.18 -7.83 3.78
CA HIS A 68 -8.68 -9.13 3.33
C HIS A 68 -8.71 -10.08 4.55
N PRO A 69 -9.37 -11.26 4.42
CA PRO A 69 -9.34 -12.21 5.54
C PRO A 69 -7.90 -12.53 5.95
N GLU A 70 -7.61 -12.61 7.24
CA GLU A 70 -6.21 -12.73 7.67
C GLU A 70 -5.55 -14.02 7.20
N THR A 71 -6.34 -15.05 6.90
CA THR A 71 -5.83 -16.28 6.31
C THR A 71 -5.33 -16.12 4.88
N ASP A 72 -5.64 -15.00 4.24
CA ASP A 72 -5.15 -14.71 2.90
C ASP A 72 -3.68 -14.37 2.87
N GLY A 73 -3.12 -14.01 4.03
CA GLY A 73 -1.69 -13.74 4.08
C GLY A 73 -1.30 -12.29 3.89
N PRO A 74 -0.12 -12.05 3.29
CA PRO A 74 0.47 -10.71 3.28
C PRO A 74 -0.27 -9.71 2.39
N LEU A 75 -0.21 -8.45 2.77
CA LEU A 75 -0.63 -7.37 1.90
C LEU A 75 0.49 -7.25 0.87
N ARG A 76 0.20 -7.50 -0.40
CA ARG A 76 1.26 -7.64 -1.39
C ARG A 76 1.71 -6.33 -2.01
N GLN A 77 0.78 -5.41 -2.22
CA GLN A 77 1.07 -4.16 -2.93
C GLN A 77 -0.06 -3.14 -2.74
N PHE A 78 0.31 -1.86 -2.79
CA PHE A 78 -0.62 -0.73 -2.84
C PHE A 78 -0.61 -0.08 -4.24
N LEU A 79 -1.75 0.48 -4.63
CA LEU A 79 -1.79 1.47 -5.72
C LEU A 79 -2.70 2.61 -5.29
N PHE A 80 -2.47 3.79 -5.87
CA PHE A 80 -3.17 4.99 -5.44
C PHE A 80 -3.86 5.72 -6.58
N VAL A 81 -5.12 6.09 -6.35
CA VAL A 81 -5.89 6.92 -7.27
C VAL A 81 -6.61 8.01 -6.48
N ASP A 82 -7.26 8.94 -7.18
CA ASP A 82 -7.93 10.05 -6.50
C ASP A 82 -8.96 9.58 -5.47
N LYS A 83 -9.78 8.60 -5.83
CA LYS A 83 -10.88 8.17 -4.94
C LYS A 83 -10.42 7.40 -3.72
N GLY A 84 -9.31 6.69 -3.82
CA GLY A 84 -8.83 5.91 -2.69
C GLY A 84 -7.62 5.05 -2.99
N VAL A 85 -7.41 4.05 -2.14
CA VAL A 85 -6.25 3.19 -2.23
C VAL A 85 -6.67 1.80 -2.69
N ILE A 86 -5.90 1.22 -3.60
CA ILE A 86 -6.12 -0.15 -4.02
C ILE A 86 -5.11 -1.07 -3.33
N PHE A 87 -5.63 -2.16 -2.77
CA PHE A 87 -4.85 -3.11 -1.97
C PHE A 87 -4.89 -4.49 -2.63
N LEU A 88 -3.73 -5.13 -2.78
CA LEU A 88 -3.69 -6.45 -3.39
CA LEU A 88 -3.66 -6.43 -3.39
C LEU A 88 -3.27 -7.52 -2.38
N GLY A 89 -4.05 -8.59 -2.32
CA GLY A 89 -3.67 -9.78 -1.57
C GLY A 89 -3.66 -10.95 -2.54
N SER A 90 -3.21 -12.12 -2.09
CA SER A 90 -3.13 -13.28 -2.97
C SER A 90 -4.47 -13.70 -3.56
N ARG A 91 -5.56 -13.45 -2.83
CA ARG A 91 -6.86 -14.00 -3.20
C ARG A 91 -7.88 -12.93 -3.62
N SER A 92 -7.49 -11.67 -3.56
CA SER A 92 -8.47 -10.61 -3.76
C SER A 92 -7.83 -9.25 -3.99
N VAL A 93 -8.66 -8.32 -4.48
CA VAL A 93 -8.25 -6.94 -4.65
C VAL A 93 -9.29 -6.10 -3.92
N TYR A 94 -8.84 -5.12 -3.16
CA TYR A 94 -9.72 -4.33 -2.30
C TYR A 94 -9.48 -2.86 -2.57
N MET A 95 -10.54 -2.06 -2.55
CA MET A 95 -10.38 -0.62 -2.67
C MET A 95 -11.16 0.10 -1.60
N ALA A 96 -10.53 1.06 -0.93
CA ALA A 96 -11.18 1.81 0.14
C ALA A 96 -10.71 3.24 0.06
N ALA A 97 -11.52 4.15 0.58
CA ALA A 97 -11.09 5.53 0.73
C ALA A 97 -9.99 5.55 1.77
N ARG A 98 -9.22 6.62 1.83
CA ARG A 98 -8.11 6.71 2.77
C ARG A 98 -8.60 6.78 4.22
N SER A 99 -9.87 7.16 4.37
CA SER A 99 -10.61 7.10 5.63
C SER A 99 -10.79 5.69 6.19
N GLY A 100 -10.79 4.71 5.29
CA GLY A 100 -11.13 3.34 5.66
C GLY A 100 -12.51 2.94 5.16
N VAL A 101 -13.28 3.89 4.63
CA VAL A 101 -14.61 3.59 4.06
C VAL A 101 -14.49 2.70 2.83
N PRO A 102 -15.11 1.52 2.87
CA PRO A 102 -15.00 0.57 1.75
C PRO A 102 -15.56 1.13 0.45
N ILE A 103 -14.87 0.84 -0.66
CA ILE A 103 -15.32 1.28 -1.98
C ILE A 103 -15.76 0.08 -2.82
N TRP A 104 -14.88 -0.90 -3.00
CA TRP A 104 -15.30 -2.19 -3.55
C TRP A 104 -14.40 -3.37 -3.15
N SER A 105 -14.87 -4.56 -3.46
CA SER A 105 -14.19 -5.79 -3.06
C SER A 105 -14.33 -6.80 -4.18
N ILE A 106 -13.20 -7.31 -4.67
CA ILE A 106 -13.24 -8.28 -5.74
C ILE A 106 -12.51 -9.54 -5.28
N ARG A 107 -13.24 -10.65 -5.24
CA ARG A 107 -12.66 -11.93 -4.82
C ARG A 107 -13.04 -12.95 -5.89
N HIS A 108 -12.27 -12.92 -6.98
CA HIS A 108 -12.56 -13.71 -8.18
C HIS A 108 -11.93 -15.10 -8.06
N GLU A 109 -12.58 -16.11 -8.64
CA GLU A 109 -12.08 -17.48 -8.58
C GLU A 109 -10.69 -17.65 -9.18
N SER A 110 -10.34 -16.81 -10.14
CA SER A 110 -9.04 -16.92 -10.80
C SER A 110 -7.95 -16.20 -10.02
N MET A 111 -8.33 -15.60 -8.89
CA MET A 111 -7.34 -14.99 -8.01
C MET A 111 -6.86 -16.04 -7.01
N GLN A 112 -5.82 -16.78 -7.40
CA GLN A 112 -5.33 -17.88 -6.58
C GLN A 112 -4.05 -17.52 -5.82
N ASP A 113 -3.15 -16.80 -6.48
CA ASP A 113 -1.94 -16.32 -5.82
C ASP A 113 -1.43 -15.06 -6.52
N LEU A 114 -2.24 -14.00 -6.43
CA LEU A 114 -1.87 -12.69 -6.98
C LEU A 114 -0.66 -12.12 -6.28
N ARG A 115 0.22 -11.44 -7.01
CA ARG A 115 1.44 -10.87 -6.44
C ARG A 115 1.68 -9.42 -6.83
N ALA A 116 1.03 -8.97 -7.89
CA ALA A 116 1.38 -7.71 -8.50
C ALA A 116 0.22 -7.10 -9.26
N MET A 117 0.23 -5.78 -9.29
CA MET A 117 -0.67 -5.09 -10.20
C MET A 117 -0.13 -3.76 -10.65
N SER A 118 -0.70 -3.27 -11.74
CA SER A 118 -0.25 -2.02 -12.34
C SER A 118 -1.40 -1.35 -13.06
N PHE A 119 -1.23 -0.08 -13.37
CA PHE A 119 -2.14 0.58 -14.29
C PHE A 119 -1.84 0.09 -15.70
N THR A 120 -2.68 0.50 -16.65
CA THR A 120 -2.55 0.04 -18.02
C THR A 120 -2.56 1.26 -18.94
N SER A 121 -3.27 1.17 -20.06
CA SER A 121 -3.27 2.27 -21.03
C SER A 121 -4.35 3.30 -20.72
N LYS A 122 -5.03 3.14 -19.58
CA LYS A 122 -6.24 3.94 -19.33
C LYS A 122 -6.13 4.80 -18.10
N GLY A 123 -4.94 5.33 -17.86
CA GLY A 123 -4.71 6.22 -16.72
C GLY A 123 -4.95 5.47 -15.44
N THR A 124 -5.85 5.97 -14.60
CA THR A 124 -6.10 5.29 -13.34
C THR A 124 -7.43 4.55 -13.34
N SER A 125 -8.05 4.43 -14.51
CA SER A 125 -9.37 3.82 -14.62
CA SER A 125 -9.38 3.81 -14.59
C SER A 125 -9.32 2.30 -14.66
N GLU A 126 -8.13 1.75 -14.92
CA GLU A 126 -8.00 0.30 -15.12
C GLU A 126 -6.69 -0.26 -14.58
N ILE A 127 -6.75 -1.44 -13.98
CA ILE A 127 -5.54 -2.11 -13.54
C ILE A 127 -5.41 -3.52 -14.10
N LEU A 128 -4.17 -3.97 -14.19
CA LEU A 128 -3.85 -5.36 -14.52
C LEU A 128 -3.38 -6.05 -13.26
N VAL A 129 -3.87 -7.25 -12.97
CA VAL A 129 -3.39 -7.96 -11.79
C VAL A 129 -2.92 -9.34 -12.22
N ALA A 130 -1.86 -9.80 -11.58
CA ALA A 130 -1.22 -11.06 -11.94
C ALA A 130 -0.46 -11.62 -10.76
N GLY A 131 0.09 -12.81 -10.90
CA GLY A 131 0.90 -13.36 -9.84
C GLY A 131 1.51 -14.69 -10.20
N TRP A 132 1.70 -15.54 -9.20
CA TRP A 132 2.30 -16.83 -9.44
C TRP A 132 1.20 -17.82 -9.81
N GLN A 133 0.66 -17.62 -11.01
CA GLN A 133 -0.49 -18.36 -11.51
C GLN A 133 -0.53 -18.06 -13.00
N ASN A 134 -1.32 -18.83 -13.77
CA ASN A 134 -1.26 -18.67 -15.21
CA ASN A 134 -1.29 -18.73 -15.22
C ASN A 134 -2.45 -17.92 -15.80
N LYS A 135 -3.12 -17.15 -14.95
CA LYS A 135 -4.15 -16.24 -15.39
C LYS A 135 -3.81 -14.82 -14.94
N MET A 136 -4.21 -13.84 -15.75
CA MET A 136 -4.18 -12.44 -15.36
CA MET A 136 -4.18 -12.44 -15.34
C MET A 136 -5.60 -11.88 -15.44
N LEU A 137 -5.89 -10.84 -14.66
CA LEU A 137 -7.20 -10.22 -14.71
CA LEU A 137 -7.20 -10.22 -14.69
C LEU A 137 -7.08 -8.73 -14.92
N VAL A 138 -7.99 -8.20 -15.74
CA VAL A 138 -8.10 -6.77 -15.96
C VAL A 138 -9.31 -6.25 -15.18
N ILE A 139 -9.10 -5.21 -14.37
CA ILE A 139 -10.15 -4.66 -13.50
C ILE A 139 -10.48 -3.21 -13.82
N ASP A 140 -11.77 -2.93 -14.02
CA ASP A 140 -12.29 -1.57 -14.14
C ASP A 140 -12.34 -0.97 -12.74
N VAL A 141 -11.50 0.03 -12.51
CA VAL A 141 -11.35 0.63 -11.19
C VAL A 141 -12.57 1.48 -10.81
N ASN A 142 -13.23 2.03 -11.82
CA ASN A 142 -14.43 2.83 -11.55
C ASN A 142 -15.62 1.97 -11.15
N LYS A 143 -15.81 0.86 -11.86
CA LYS A 143 -16.94 -0.02 -11.58
C LYS A 143 -16.63 -1.05 -10.50
N GLY A 144 -15.34 -1.33 -10.31
CA GLY A 144 -14.93 -2.34 -9.36
C GLY A 144 -15.34 -3.73 -9.81
N GLU A 145 -15.06 -4.04 -11.07
CA GLU A 145 -15.34 -5.36 -11.61
C GLU A 145 -14.25 -5.83 -12.57
N VAL A 146 -14.05 -7.14 -12.60
CA VAL A 146 -13.21 -7.77 -13.61
C VAL A 146 -13.87 -7.61 -14.97
N VAL A 147 -13.11 -7.12 -15.95
CA VAL A 147 -13.65 -6.92 -17.29
C VAL A 147 -13.03 -7.88 -18.29
N LYS A 148 -11.92 -8.51 -17.90
CA LYS A 148 -11.22 -9.41 -18.80
C LYS A 148 -10.35 -10.38 -18.02
N GLU A 149 -10.26 -11.60 -18.52
CA GLU A 149 -9.35 -12.59 -17.97
C GLU A 149 -8.38 -13.01 -19.07
N LEU A 150 -7.09 -13.05 -18.76
CA LEU A 150 -6.08 -13.37 -19.77
C LEU A 150 -5.17 -14.52 -19.35
N PRO A 151 -4.83 -15.39 -20.30
CA PRO A 151 -3.83 -16.43 -20.03
C PRO A 151 -2.44 -15.82 -19.99
N THR A 152 -1.56 -16.39 -19.17
CA THR A 152 -0.16 -16.01 -19.24
C THR A 152 0.72 -17.23 -19.04
N GLN A 153 1.80 -17.30 -19.81
CA GLN A 153 2.75 -18.40 -19.66
C GLN A 153 3.75 -18.06 -18.58
N ASP A 154 4.08 -16.78 -18.46
CA ASP A 154 5.01 -16.31 -17.45
C ASP A 154 4.26 -15.85 -16.20
N GLN A 155 4.80 -16.19 -15.03
CA GLN A 155 4.22 -15.78 -13.77
C GLN A 155 4.99 -14.57 -13.24
N TYR A 156 4.28 -13.62 -12.63
CA TYR A 156 4.87 -12.33 -12.34
C TYR A 156 4.97 -12.01 -10.85
N SER A 157 6.08 -11.36 -10.47
CA SER A 157 6.25 -10.84 -9.11
C SER A 157 6.05 -9.33 -8.99
N PHE A 158 6.24 -8.60 -10.09
CA PHE A 158 6.07 -7.14 -10.15
C PHE A 158 5.45 -6.74 -11.47
N LEU A 159 4.65 -5.68 -11.41
CA LEU A 159 4.10 -5.00 -12.59
C LEU A 159 4.16 -3.50 -12.34
N LYS A 160 4.61 -2.73 -13.33
CA LYS A 160 4.47 -1.28 -13.24
C LYS A 160 4.38 -0.64 -14.61
N MET A 161 3.41 0.25 -14.75
CA MET A 161 3.18 0.99 -15.97
C MET A 161 4.00 2.27 -16.02
N SER A 162 4.78 2.44 -17.08
CA SER A 162 5.40 3.72 -17.37
C SER A 162 5.08 4.05 -18.80
N ARG A 163 6.03 3.79 -19.70
CA ARG A 163 5.80 3.87 -21.14
C ARG A 163 5.09 2.59 -21.59
N TYR A 164 5.47 1.49 -20.97
CA TYR A 164 4.90 0.16 -21.20
C TYR A 164 4.66 -0.46 -19.84
N ILE A 165 3.98 -1.60 -19.82
CA ILE A 165 3.85 -2.36 -18.58
C ILE A 165 5.10 -3.20 -18.41
N CYS A 166 5.89 -2.90 -17.38
CA CYS A 166 7.11 -3.64 -17.14
C CYS A 166 6.81 -4.73 -16.13
N ALA A 167 7.04 -5.96 -16.56
CA ALA A 167 6.53 -7.13 -15.86
C ALA A 167 7.67 -8.06 -15.46
N ALA A 168 7.98 -8.10 -14.16
CA ALA A 168 9.04 -8.98 -13.68
C ALA A 168 8.49 -10.38 -13.37
N THR A 169 9.02 -11.38 -14.05
CA THR A 169 8.66 -12.76 -13.80
C THR A 169 9.33 -13.25 -12.54
N ASN A 170 8.86 -14.40 -12.04
CA ASN A 170 9.47 -14.95 -10.85
C ASN A 170 10.73 -15.74 -11.20
N LYS A 171 11.18 -15.64 -12.44
CA LYS A 171 12.41 -16.32 -12.88
C LYS A 171 13.57 -15.34 -13.11
N GLY A 172 13.33 -14.05 -12.91
CA GLY A 172 14.38 -13.06 -13.07
C GLY A 172 14.41 -12.34 -14.40
N THR A 173 13.47 -12.65 -15.28
CA THR A 173 13.37 -11.95 -16.57
C THR A 173 12.34 -10.83 -16.46
N VAL A 174 12.45 -9.84 -17.34
CA VAL A 174 11.45 -8.80 -17.41
C VAL A 174 10.75 -8.84 -18.77
N ASN A 175 9.43 -8.98 -18.76
CA ASN A 175 8.66 -8.85 -19.99
C ASN A 175 8.18 -7.41 -20.14
N ILE A 176 8.38 -6.84 -21.32
CA ILE A 176 7.85 -5.51 -21.61
C ILE A 176 6.56 -5.70 -22.39
N LEU A 177 5.45 -5.35 -21.74
CA LEU A 177 4.13 -5.62 -22.29
C LEU A 177 3.48 -4.39 -22.91
N ASP A 178 2.88 -4.57 -24.08
CA ASP A 178 2.09 -3.51 -24.68
C ASP A 178 0.94 -3.18 -23.72
N PRO A 179 0.81 -1.89 -23.36
CA PRO A 179 -0.19 -1.54 -22.34
C PRO A 179 -1.63 -1.61 -22.83
N ILE A 180 -1.81 -1.66 -24.14
CA ILE A 180 -3.13 -1.74 -24.75
C ILE A 180 -3.57 -3.18 -24.94
N THR A 181 -2.67 -4.02 -25.46
CA THR A 181 -3.00 -5.41 -25.81
C THR A 181 -2.45 -6.45 -24.83
N PHE A 182 -1.51 -6.03 -23.99
CA PHE A 182 -0.83 -6.90 -23.02
C PHE A 182 0.06 -7.95 -23.68
N THR A 183 0.30 -7.84 -24.98
CA THR A 183 1.23 -8.76 -25.63
C THR A 183 2.68 -8.40 -25.31
N ILE A 184 3.53 -9.41 -25.21
CA ILE A 184 4.95 -9.19 -24.95
C ILE A 184 5.67 -8.58 -26.15
N LYS A 185 6.23 -7.39 -25.96
CA LYS A 185 7.00 -6.72 -27.02
C LYS A 185 8.46 -7.15 -27.00
N LYS A 186 8.95 -7.48 -25.81
CA LYS A 186 10.38 -7.75 -25.62
C LYS A 186 10.61 -8.42 -24.27
N GLN A 187 11.53 -9.38 -24.23
CA GLN A 187 11.93 -10.00 -22.97
CA GLN A 187 11.93 -9.98 -22.96
C GLN A 187 13.38 -9.65 -22.65
N TRP A 188 13.63 -9.27 -21.40
CA TRP A 188 14.94 -8.84 -20.96
C TRP A 188 15.44 -9.74 -19.82
N GLN A 189 16.63 -10.32 -19.98
CA GLN A 189 17.18 -11.18 -18.93
C GLN A 189 17.87 -10.31 -17.89
N ALA A 190 17.19 -10.02 -16.79
CA ALA A 190 17.74 -9.10 -15.81
C ALA A 190 18.64 -9.82 -14.81
N HIS A 191 18.09 -10.83 -14.14
CA HIS A 191 18.87 -11.58 -13.17
C HIS A 191 18.67 -13.07 -13.36
N GLY A 192 19.53 -13.88 -12.73
CA GLY A 192 19.54 -15.30 -12.96
C GLY A 192 18.32 -16.09 -12.51
N ALA A 193 17.75 -15.77 -11.35
CA ALA A 193 16.63 -16.56 -10.81
C ALA A 193 15.51 -15.71 -10.22
N PHE A 194 15.83 -14.53 -9.72
CA PHE A 194 14.79 -13.68 -9.12
C PHE A 194 15.09 -12.20 -9.22
N ILE A 195 14.01 -11.45 -9.12
CA ILE A 195 14.03 -10.01 -9.08
C ILE A 195 13.46 -9.61 -7.73
N ASN A 196 14.25 -8.93 -6.91
CA ASN A 196 13.81 -8.49 -5.59
C ASN A 196 13.08 -7.14 -5.64
N ASP A 197 13.30 -6.40 -6.72
CA ASP A 197 12.71 -5.07 -6.87
C ASP A 197 12.76 -4.61 -8.33
N LEU A 198 11.74 -3.84 -8.72
CA LEU A 198 11.69 -3.26 -10.05
C LEU A 198 11.09 -1.86 -9.93
N ASP A 199 11.69 -0.89 -10.63
CA ASP A 199 11.06 0.41 -10.82
C ASP A 199 11.26 0.82 -12.26
N THR A 200 10.46 1.78 -12.72
CA THR A 200 10.58 2.23 -14.09
C THR A 200 10.06 3.65 -14.22
N SER A 201 10.72 4.41 -15.09
CA SER A 201 10.28 5.72 -15.55
C SER A 201 9.91 5.56 -17.01
N ASN A 202 9.50 6.63 -17.69
CA ASN A 202 9.16 6.49 -19.10
C ASN A 202 10.38 6.12 -19.93
N ASP A 203 11.59 6.37 -19.40
CA ASP A 203 12.81 6.11 -20.18
C ASP A 203 13.65 4.91 -19.72
N PHE A 204 13.41 4.41 -18.51
CA PHE A 204 14.25 3.34 -17.97
C PHE A 204 13.50 2.25 -17.21
N ILE A 205 14.07 1.05 -17.21
CA ILE A 205 13.77 0.05 -16.19
C ILE A 205 15.01 -0.18 -15.34
N VAL A 206 14.82 -0.33 -14.03
CA VAL A 206 15.91 -0.72 -13.14
C VAL A 206 15.46 -1.87 -12.25
N THR A 207 16.34 -2.85 -12.04
CA THR A 207 15.98 -3.98 -11.20
C THR A 207 17.09 -4.38 -10.25
N CYS A 208 16.69 -5.00 -9.15
CA CYS A 208 17.59 -5.69 -8.24
C CYS A 208 17.21 -7.15 -8.19
N GLY A 209 18.18 -8.05 -8.02
CA GLY A 209 17.83 -9.45 -7.96
C GLY A 209 19.06 -10.32 -7.76
N GLY A 210 18.94 -11.60 -8.07
CA GLY A 210 20.05 -12.53 -7.90
C GLY A 210 19.97 -13.78 -8.74
N SER A 211 21.02 -14.59 -8.69
CA SER A 211 21.20 -15.73 -9.57
C SER A 211 20.53 -17.02 -9.12
N HIS A 212 20.24 -17.14 -7.82
CA HIS A 212 19.60 -18.36 -7.31
C HIS A 212 18.67 -18.07 -6.15
N ARG A 213 17.50 -18.70 -6.18
CA ARG A 213 16.61 -18.65 -5.04
C ARG A 213 17.15 -19.57 -3.93
N GLN A 214 16.62 -19.36 -2.74
CA GLN A 214 17.13 -20.00 -1.53
C GLN A 214 16.92 -21.51 -1.54
N THR A 215 17.96 -22.25 -1.12
CA THR A 215 17.87 -23.67 -0.83
C THR A 215 18.55 -23.94 0.50
N HIS A 216 18.50 -25.17 0.99
CA HIS A 216 19.23 -25.44 2.22
C HIS A 216 20.74 -25.45 1.99
N ASN A 217 21.19 -25.45 0.74
CA ASN A 217 22.63 -25.40 0.46
C ASN A 217 23.13 -23.95 0.37
N THR A 218 22.22 -23.03 0.03
CA THR A 218 22.61 -21.71 -0.45
C THR A 218 21.56 -20.65 -0.17
N PRO A 219 21.90 -19.62 0.61
CA PRO A 219 20.97 -18.51 0.78
C PRO A 219 20.85 -17.73 -0.53
N ALA A 220 19.71 -17.10 -0.78
CA ALA A 220 19.58 -16.25 -1.96
C ALA A 220 20.51 -15.06 -1.78
N ILE A 221 21.41 -14.88 -2.73
CA ILE A 221 22.37 -13.79 -2.67
C ILE A 221 22.03 -12.72 -3.71
N LEU A 222 22.04 -11.46 -3.28
CA LEU A 222 21.79 -10.34 -4.19
C LEU A 222 23.00 -9.97 -5.06
N ASP A 223 22.74 -9.43 -6.25
CA ASP A 223 23.81 -9.04 -7.18
C ASP A 223 24.47 -7.71 -6.81
N PRO A 224 25.77 -7.56 -7.14
CA PRO A 224 26.54 -6.34 -6.83
C PRO A 224 26.29 -5.24 -7.85
N TYR A 225 25.05 -5.16 -8.33
CA TYR A 225 24.70 -4.15 -9.33
C TYR A 225 23.21 -4.02 -9.46
N VAL A 226 22.79 -2.90 -10.03
CA VAL A 226 21.43 -2.71 -10.50
C VAL A 226 21.41 -2.91 -12.01
N LYS A 227 20.48 -3.72 -12.51
CA LYS A 227 20.35 -3.90 -13.95
C LYS A 227 19.53 -2.75 -14.55
N VAL A 228 19.95 -2.27 -15.73
CA VAL A 228 19.33 -1.10 -16.35
C VAL A 228 18.91 -1.36 -17.78
N PHE A 229 17.71 -0.93 -18.13
CA PHE A 229 17.18 -1.12 -19.48
C PHE A 229 16.66 0.21 -20.03
N ASP A 230 17.00 0.50 -21.29
CA ASP A 230 16.59 1.72 -21.99
C ASP A 230 15.23 1.53 -22.61
N LEU A 231 14.20 2.17 -22.05
CA LEU A 231 12.83 1.98 -22.50
C LEU A 231 12.53 2.77 -23.78
N LYS A 232 13.26 3.86 -23.96
CA LYS A 232 13.07 4.73 -25.11
C LYS A 232 13.50 4.01 -26.38
N ASN A 233 14.70 3.43 -26.35
CA ASN A 233 15.25 2.75 -27.51
C ASN A 233 15.23 1.23 -27.41
N MET A 234 14.56 0.72 -26.37
CA MET A 234 14.34 -0.72 -26.16
C MET A 234 15.59 -1.59 -26.25
N SER A 235 16.61 -1.24 -25.46
CA SER A 235 17.81 -2.06 -25.39
C SER A 235 18.44 -1.99 -24.00
N ALA A 236 19.23 -2.99 -23.65
CA ALA A 236 19.86 -3.02 -22.34
C ALA A 236 20.93 -1.95 -22.24
N MET A 237 21.16 -1.46 -21.04
CA MET A 237 22.23 -0.50 -20.78
C MET A 237 23.26 -1.14 -19.87
N ASN A 238 24.37 -0.44 -19.64
CA ASN A 238 25.38 -0.92 -18.71
C ASN A 238 24.79 -0.96 -17.31
N PRO A 239 25.09 -2.02 -16.56
CA PRO A 239 24.59 -2.08 -15.18
C PRO A 239 25.23 -1.00 -14.31
N VAL A 240 24.55 -0.62 -13.23
CA VAL A 240 25.13 0.28 -12.24
C VAL A 240 25.82 -0.52 -11.14
N PRO A 241 27.16 -0.39 -11.06
CA PRO A 241 27.93 -1.11 -10.04
C PRO A 241 27.50 -0.73 -8.64
N PHE A 242 27.27 -1.71 -7.78
CA PHE A 242 26.84 -1.45 -6.42
C PHE A 242 27.37 -2.53 -5.49
N ALA A 243 28.65 -2.37 -5.11
CA ALA A 243 29.36 -3.35 -4.28
C ALA A 243 28.66 -3.73 -2.97
N PRO A 244 27.94 -2.79 -2.32
CA PRO A 244 27.23 -3.26 -1.11
C PRO A 244 26.10 -4.26 -1.35
N LEU A 245 25.88 -4.67 -2.61
CA LEU A 245 24.80 -5.58 -3.03
C LEU A 245 23.45 -4.88 -3.08
N ALA A 246 22.86 -4.83 -4.27
CA ALA A 246 21.66 -4.02 -4.49
C ALA A 246 20.39 -4.79 -4.20
N ALA A 247 19.66 -4.31 -3.19
CA ALA A 247 18.44 -4.97 -2.73
C ALA A 247 17.19 -4.26 -3.25
N HIS A 248 17.24 -2.92 -3.25
CA HIS A 248 16.09 -2.12 -3.71
C HIS A 248 16.54 -0.94 -4.54
N VAL A 249 15.62 -0.47 -5.39
CA VAL A 249 15.90 0.63 -6.27
C VAL A 249 14.62 1.39 -6.60
N ARG A 250 14.74 2.72 -6.65
CA ARG A 250 13.67 3.58 -7.12
C ARG A 250 14.27 4.63 -8.03
N MET A 251 13.55 4.94 -9.12
CA MET A 251 13.90 6.09 -9.94
C MET A 251 13.57 7.36 -9.18
N HIS A 252 14.46 8.33 -9.26
CA HIS A 252 14.22 9.63 -8.65
C HIS A 252 13.18 10.38 -9.48
N PRO A 253 12.09 10.81 -8.84
CA PRO A 253 10.97 11.44 -9.58
C PRO A 253 11.29 12.81 -10.14
N ARG A 254 12.35 13.46 -9.66
CA ARG A 254 12.69 14.79 -10.17
C ARG A 254 13.98 14.78 -10.96
N MET A 255 14.99 14.08 -10.47
CA MET A 255 16.21 13.87 -11.25
C MET A 255 15.99 12.66 -12.15
N LEU A 256 15.61 12.92 -13.40
CA LEU A 256 14.99 11.89 -14.25
C LEU A 256 15.91 10.75 -14.71
N THR A 257 17.21 10.95 -14.70
CA THR A 257 18.14 9.90 -15.10
C THR A 257 18.87 9.30 -13.91
N THR A 258 18.32 9.53 -12.73
CA THR A 258 18.98 9.13 -11.49
C THR A 258 18.21 8.01 -10.79
N ALA A 259 18.95 7.05 -10.25
CA ALA A 259 18.38 5.97 -9.47
C ALA A 259 18.82 6.07 -8.01
N ILE A 260 17.95 5.60 -7.12
CA ILE A 260 18.23 5.56 -5.70
C ILE A 260 18.38 4.10 -5.29
N VAL A 261 19.58 3.69 -4.90
CA VAL A 261 19.89 2.28 -4.69
C VAL A 261 20.21 1.97 -3.24
N VAL A 262 19.64 0.89 -2.73
CA VAL A 262 19.69 0.61 -1.30
C VAL A 262 20.15 -0.83 -1.05
N ASN A 263 21.06 -1.01 -0.09
CA ASN A 263 21.46 -2.36 0.31
C ASN A 263 20.79 -2.74 1.62
N GLN A 264 20.94 -3.99 2.04
CA GLN A 264 20.19 -4.48 3.18
C GLN A 264 20.65 -3.88 4.52
N ALA A 265 21.82 -3.26 4.53
CA ALA A 265 22.30 -2.59 5.72
C ALA A 265 21.86 -1.12 5.78
N GLY A 266 21.06 -0.71 4.80
CA GLY A 266 20.55 0.64 4.77
C GLY A 266 21.50 1.66 4.15
N GLN A 267 22.55 1.18 3.49
CA GLN A 267 23.42 2.06 2.72
C GLN A 267 22.73 2.44 1.42
N ILE A 268 22.74 3.73 1.10
CA ILE A 268 22.03 4.24 -0.07
C ILE A 268 22.96 5.02 -1.00
N HIS A 269 22.88 4.72 -2.30
CA HIS A 269 23.56 5.52 -3.32
C HIS A 269 22.54 6.23 -4.18
N VAL A 270 22.74 7.53 -4.39
CA VAL A 270 21.92 8.28 -5.34
C VAL A 270 22.80 8.45 -6.57
N THR A 271 22.47 7.75 -7.64
CA THR A 271 23.40 7.60 -8.75
C THR A 271 22.80 7.93 -10.10
N ASP A 272 23.47 8.78 -10.86
CA ASP A 272 23.03 9.05 -12.21
C ASP A 272 23.30 7.84 -13.09
N LEU A 273 22.25 7.36 -13.75
CA LEU A 273 22.33 6.17 -14.59
C LEU A 273 23.31 6.34 -15.75
N LEU A 274 23.37 7.55 -16.29
CA LEU A 274 24.16 7.81 -17.49
C LEU A 274 25.66 7.91 -17.20
N ASN A 275 26.00 8.28 -15.97
CA ASN A 275 27.39 8.19 -15.52
C ASN A 275 27.51 7.99 -14.01
N PRO A 276 27.78 6.74 -13.61
CA PRO A 276 27.79 6.28 -12.22
C PRO A 276 28.94 6.85 -11.38
N SER A 277 29.90 7.51 -12.03
CA SER A 277 31.09 7.97 -11.31
C SER A 277 30.70 8.97 -10.22
N ASN A 278 29.73 9.83 -10.52
CA ASN A 278 29.23 10.77 -9.52
C ASN A 278 27.94 10.28 -8.86
N SER A 279 28.08 9.71 -7.68
CA SER A 279 26.93 9.30 -6.90
C SER A 279 27.11 9.77 -5.46
N GLN A 280 26.02 10.22 -4.85
CA GLN A 280 26.02 10.62 -3.46
C GLN A 280 25.76 9.42 -2.58
N VAL A 281 26.59 9.27 -1.54
CA VAL A 281 26.45 8.14 -0.63
C VAL A 281 25.94 8.62 0.73
N CYS A 282 24.97 7.88 1.28
CA CYS A 282 24.54 8.14 2.64
C CYS A 282 24.21 6.83 3.35
N TYR A 283 24.08 6.92 4.66
CA TYR A 283 23.80 5.75 5.46
C TYR A 283 22.58 6.01 6.32
N THR A 284 21.84 4.94 6.59
CA THR A 284 20.73 5.00 7.53
C THR A 284 21.07 4.05 8.66
N GLN A 285 20.27 4.05 9.73
CA GLN A 285 20.62 3.19 10.86
C GLN A 285 19.52 2.20 11.17
N PRO A 286 19.22 1.31 10.23
CA PRO A 286 18.12 0.38 10.52
C PRO A 286 18.50 -0.56 11.65
N GLN A 287 17.54 -0.89 12.51
CA GLN A 287 17.79 -1.85 13.58
C GLN A 287 18.04 -3.22 12.98
N GLY A 288 17.23 -3.59 12.00
CA GLY A 288 17.37 -4.89 11.36
C GLY A 288 17.81 -4.81 9.92
N VAL A 289 17.58 -5.89 9.18
CA VAL A 289 17.87 -5.96 7.76
C VAL A 289 16.78 -5.21 6.98
N VAL A 290 17.17 -4.35 6.06
CA VAL A 290 16.19 -3.60 5.27
C VAL A 290 15.45 -4.58 4.35
N LEU A 291 14.12 -4.51 4.35
CA LEU A 291 13.27 -5.38 3.54
C LEU A 291 12.50 -4.67 2.45
N HIS A 292 12.15 -3.40 2.70
CA HIS A 292 11.38 -2.62 1.74
C HIS A 292 11.83 -1.18 1.70
N PHE A 293 11.59 -0.54 0.57
CA PHE A 293 12.05 0.82 0.29
C PHE A 293 11.07 1.54 -0.64
N ASP A 294 10.83 2.83 -0.39
CA ASP A 294 10.14 3.65 -1.39
C ASP A 294 10.61 5.10 -1.29
N VAL A 295 10.33 5.86 -2.34
CA VAL A 295 10.60 7.29 -2.38
C VAL A 295 9.29 8.04 -2.67
N SER A 296 9.12 9.21 -2.06
CA SER A 296 7.91 10.01 -2.26
C SER A 296 7.85 10.65 -3.65
N ARG A 297 6.68 11.16 -4.05
CA ARG A 297 6.51 11.76 -5.37
C ARG A 297 7.42 12.96 -5.60
N THR A 298 7.72 13.69 -4.54
CA THR A 298 8.61 14.86 -4.65
C THR A 298 10.07 14.47 -4.65
N GLY A 299 10.37 13.25 -4.23
CA GLY A 299 11.73 12.78 -4.10
C GLY A 299 12.34 13.10 -2.74
N GLU A 300 11.61 13.86 -1.94
CA GLU A 300 12.15 14.41 -0.69
C GLU A 300 12.10 13.43 0.48
N GLY A 301 11.15 12.50 0.44
CA GLY A 301 11.05 11.48 1.47
C GLY A 301 11.53 10.11 1.02
N LYS A 302 12.40 9.49 1.84
CA LYS A 302 12.85 8.11 1.61
C LYS A 302 12.41 7.23 2.77
N ALA A 303 11.72 6.15 2.46
CA ALA A 303 11.23 5.25 3.51
C ALA A 303 11.85 3.87 3.40
N LEU A 304 12.19 3.29 4.55
CA LEU A 304 12.83 1.98 4.62
C LEU A 304 12.19 1.16 5.73
N ALA A 305 11.76 -0.07 5.42
CA ALA A 305 11.24 -0.95 6.46
C ALA A 305 12.22 -2.08 6.71
N ASP A 306 12.42 -2.44 7.97
CA ASP A 306 13.38 -3.48 8.29
C ASP A 306 12.73 -4.73 8.89
N ASN A 307 13.51 -5.78 9.07
CA ASN A 307 12.93 -7.04 9.51
C ASN A 307 12.69 -7.07 11.02
N LYS A 308 12.98 -5.95 11.69
CA LYS A 308 12.67 -5.80 13.11
C LYS A 308 11.37 -5.01 13.33
N HIS A 309 10.59 -4.88 12.25
CA HIS A 309 9.28 -4.21 12.22
C HIS A 309 9.33 -2.67 12.22
N ASN A 310 10.51 -2.08 12.02
CA ASN A 310 10.59 -0.63 11.97
C ASN A 310 10.41 -0.10 10.56
N THR A 311 9.72 1.03 10.43
CA THR A 311 9.76 1.78 9.18
C THR A 311 10.25 3.18 9.48
N TYR A 312 11.26 3.61 8.72
CA TYR A 312 11.93 4.89 8.92
C TYR A 312 11.66 5.81 7.74
N VAL A 313 11.58 7.11 8.02
CA VAL A 313 11.60 8.10 6.95
C VAL A 313 12.85 8.95 7.10
N TRP A 314 13.61 9.06 6.02
CA TRP A 314 14.82 9.86 5.98
C TRP A 314 14.67 10.96 4.93
N GLY A 315 15.43 12.04 5.11
CA GLY A 315 15.39 13.16 4.19
C GLY A 315 16.03 14.37 4.82
N SER A 316 15.83 15.53 4.19
CA SER A 316 16.36 16.78 4.70
C SER A 316 15.60 17.31 5.91
N PRO A 317 16.33 17.89 6.88
CA PRO A 317 15.71 18.54 8.04
C PRO A 317 14.89 19.76 7.62
N ASN A 318 15.11 20.24 6.40
CA ASN A 318 14.43 21.43 5.90
C ASN A 318 13.07 21.09 5.30
N LYS A 319 12.02 21.31 6.09
CA LYS A 319 10.60 21.19 5.71
C LYS A 319 10.30 20.40 4.42
N ILE A 320 10.29 19.07 4.52
CA ILE A 320 10.03 18.25 3.36
C ILE A 320 8.53 18.01 3.17
N GLN A 321 8.14 17.81 1.92
CA GLN A 321 6.77 17.45 1.57
C GLN A 321 6.79 16.19 0.69
N PHE A 322 5.92 15.23 1.00
CA PHE A 322 5.88 13.97 0.25
C PHE A 322 5.31 14.12 -1.17
N THR A 323 4.24 14.91 -1.33
CA THR A 323 3.70 15.18 -2.67
C THR A 323 3.31 16.66 -2.83
N GLU A 324 3.04 17.04 -4.09
CA GLU A 324 2.68 18.39 -4.49
C GLU A 324 3.84 19.35 -4.26
N LEU B 30 -40.22 15.88 16.86
CA LEU B 30 -39.95 16.36 15.50
C LEU B 30 -38.50 16.10 15.14
N GLU B 31 -37.60 16.95 15.65
CA GLU B 31 -36.18 16.61 15.65
C GLU B 31 -36.01 15.37 16.54
N ASN B 32 -36.85 15.29 17.58
CA ASN B 32 -36.87 14.09 18.40
C ASN B 32 -37.29 12.87 17.60
N GLY B 33 -38.28 13.05 16.72
CA GLY B 33 -38.72 11.99 15.85
C GLY B 33 -37.60 11.55 14.91
N ARG B 34 -36.86 12.52 14.40
CA ARG B 34 -35.76 12.25 13.49
C ARG B 34 -34.66 11.45 14.17
N ILE B 35 -34.30 11.86 15.38
CA ILE B 35 -33.28 11.18 16.18
C ILE B 35 -33.69 9.74 16.48
N ALA B 36 -34.96 9.60 16.87
CA ALA B 36 -35.49 8.29 17.22
C ALA B 36 -35.39 7.32 16.05
N ARG B 37 -35.74 7.80 14.86
CA ARG B 37 -35.66 6.97 13.66
C ARG B 37 -34.24 6.52 13.34
N LEU B 38 -33.26 7.40 13.54
CA LEU B 38 -31.86 7.02 13.31
C LEU B 38 -31.42 6.00 14.36
N MET B 39 -31.94 6.15 15.56
CA MET B 39 -31.69 5.18 16.64
C MET B 39 -32.19 3.80 16.31
N PHE B 40 -33.40 3.72 15.76
CA PHE B 40 -33.95 2.44 15.32
C PHE B 40 -32.98 1.77 14.36
N LYS B 41 -32.56 2.52 13.34
CA LYS B 41 -31.68 1.95 12.32
C LYS B 41 -30.36 1.48 12.91
N LEU B 42 -29.76 2.32 13.75
CA LEU B 42 -28.50 1.98 14.39
C LEU B 42 -28.62 0.71 15.26
N SER B 43 -29.72 0.62 16.02
CA SER B 43 -29.93 -0.54 16.89
C SER B 43 -30.14 -1.80 16.05
N VAL B 44 -30.91 -1.68 14.98
CA VAL B 44 -31.22 -2.83 14.16
C VAL B 44 -29.98 -3.39 13.46
N VAL B 45 -29.13 -2.51 12.93
CA VAL B 45 -27.98 -3.01 12.16
C VAL B 45 -26.85 -3.56 13.04
N ASN B 46 -26.74 -3.08 14.26
CA ASN B 46 -25.62 -3.49 15.12
C ASN B 46 -25.87 -4.79 15.91
N GLU B 47 -24.78 -5.51 16.16
CA GLU B 47 -24.75 -6.85 16.80
C GLU B 47 -25.94 -7.77 16.49
N ARG B 48 -26.06 -8.15 15.23
CA ARG B 48 -27.02 -9.15 14.82
C ARG B 48 -26.40 -10.55 14.90
N GLY B 49 -26.87 -11.46 14.06
CA GLY B 49 -26.25 -12.76 13.91
C GLY B 49 -25.15 -12.68 12.87
N ASP B 50 -25.58 -12.61 11.60
CA ASP B 50 -24.66 -12.39 10.48
C ASP B 50 -25.46 -12.00 9.25
N HIS B 55 -21.16 -11.48 3.05
CA HIS B 55 -20.40 -12.16 2.00
C HIS B 55 -19.06 -11.48 1.73
N ASN B 56 -19.08 -10.37 0.99
CA ASN B 56 -17.84 -9.74 0.53
C ASN B 56 -17.15 -8.90 1.61
N TRP B 57 -15.87 -8.59 1.38
CA TRP B 57 -15.04 -8.01 2.42
C TRP B 57 -15.46 -6.59 2.80
N SER B 58 -16.05 -5.86 1.86
CA SER B 58 -16.57 -4.52 2.15
C SER B 58 -17.58 -4.56 3.29
N GLU B 59 -18.40 -5.60 3.31
CA GLU B 59 -19.41 -5.76 4.36
C GLU B 59 -18.77 -5.83 5.75
N THR B 60 -17.63 -6.49 5.83
CA THR B 60 -16.95 -6.64 7.12
C THR B 60 -16.52 -5.29 7.66
N GLY B 61 -15.97 -4.46 6.79
CA GLY B 61 -15.51 -3.15 7.22
C GLY B 61 -16.67 -2.23 7.59
N GLU B 62 -17.74 -2.28 6.82
CA GLU B 62 -18.90 -1.43 7.09
C GLU B 62 -19.56 -1.80 8.42
N ARG B 63 -19.71 -3.08 8.68
CA ARG B 63 -20.23 -3.53 9.98
C ARG B 63 -19.38 -3.06 11.14
N LEU B 64 -18.05 -3.16 11.00
CA LEU B 64 -17.16 -2.74 12.08
C LEU B 64 -17.25 -1.23 12.30
N LEU B 65 -17.26 -0.47 11.21
CA LEU B 65 -17.31 0.98 11.30
C LEU B 65 -18.58 1.44 12.06
N LEU B 66 -19.73 0.87 11.73
CA LEU B 66 -20.98 1.25 12.39
C LEU B 66 -20.99 0.84 13.86
N LYS B 67 -20.32 -0.27 14.20
CA LYS B 67 -20.21 -0.66 15.59
C LYS B 67 -19.31 0.30 16.36
N LEU B 68 -18.17 0.66 15.77
CA LEU B 68 -17.28 1.65 16.41
C LEU B 68 -17.95 3.02 16.52
N PHE B 69 -18.80 3.36 15.57
CA PHE B 69 -19.56 4.60 15.67
C PHE B 69 -20.49 4.56 16.87
N ARG B 70 -21.22 3.46 16.99
CA ARG B 70 -22.10 3.27 18.15
C ARG B 70 -21.32 3.46 19.45
N ASP B 71 -20.11 2.91 19.51
CA ASP B 71 -19.29 3.02 20.71
C ASP B 71 -18.81 4.44 20.96
N TYR B 72 -18.50 5.16 19.88
CA TYR B 72 -18.10 6.56 19.98
C TYR B 72 -19.23 7.39 20.59
N VAL B 73 -20.46 7.09 20.19
CA VAL B 73 -21.60 7.88 20.68
C VAL B 73 -21.96 7.48 22.12
N PHE B 74 -22.08 6.19 22.38
CA PHE B 74 -22.75 5.74 23.61
C PHE B 74 -21.84 5.12 24.66
N HIS B 75 -20.57 4.88 24.32
CA HIS B 75 -19.70 4.18 25.26
C HIS B 75 -18.40 4.93 25.57
N GLN B 76 -18.46 6.26 25.57
CA GLN B 76 -17.32 7.06 26.00
C GLN B 76 -16.97 6.78 27.45
N VAL B 77 -15.67 6.69 27.73
CA VAL B 77 -15.17 6.51 29.09
C VAL B 77 -14.08 7.54 29.36
N ASP B 78 -13.87 7.88 30.63
CA ASP B 78 -12.75 8.77 30.99
C ASP B 78 -11.48 7.96 31.13
N ALA B 79 -10.38 8.62 31.42
CA ALA B 79 -9.19 7.91 31.86
C ALA B 79 -9.55 7.18 33.15
N ASP B 80 -9.14 5.90 33.23
CA ASP B 80 -9.54 4.95 34.28
C ASP B 80 -10.90 4.30 33.97
N GLY B 81 -11.44 4.59 32.80
CA GLY B 81 -12.58 3.84 32.27
C GLY B 81 -13.92 3.97 32.97
N LYS B 82 -14.14 5.05 33.70
CA LYS B 82 -15.47 5.32 34.24
C LYS B 82 -16.38 5.75 33.10
N ALA B 83 -17.60 5.22 33.09
CA ALA B 83 -18.59 5.62 32.10
C ALA B 83 -18.84 7.12 32.13
N ARG B 84 -18.79 7.76 30.97
CA ARG B 84 -19.07 9.17 30.85
C ARG B 84 -20.46 9.36 30.26
N LEU B 85 -21.46 9.52 31.12
CA LEU B 85 -22.82 9.74 30.66
C LEU B 85 -22.99 11.20 30.28
N ASP B 86 -23.51 11.45 29.09
CA ASP B 86 -23.66 12.82 28.58
C ASP B 86 -24.72 12.87 27.49
N THR B 87 -25.94 13.18 27.90
CA THR B 87 -27.07 13.25 26.98
C THR B 87 -26.81 14.24 25.84
N ASN B 88 -26.14 15.35 26.14
CA ASN B 88 -25.81 16.34 25.11
C ASN B 88 -24.88 15.78 24.03
N HIS B 89 -23.93 14.95 24.45
CA HIS B 89 -23.06 14.24 23.53
C HIS B 89 -23.87 13.32 22.61
N TYR B 90 -24.83 12.58 23.18
CA TYR B 90 -25.69 11.72 22.36
C TYR B 90 -26.48 12.56 21.38
N LEU B 91 -27.08 13.65 21.87
CA LEU B 91 -27.87 14.52 21.00
C LEU B 91 -27.00 15.14 19.91
N ASN B 92 -25.85 15.66 20.29
CA ASN B 92 -24.94 16.27 19.32
C ASN B 92 -24.48 15.29 18.22
N CYS B 93 -24.10 14.07 18.59
CA CYS B 93 -23.66 13.09 17.61
C CYS B 93 -24.79 12.73 16.66
N LEU B 94 -25.96 12.48 17.23
CA LEU B 94 -27.11 12.08 16.43
CA LEU B 94 -27.08 12.07 16.41
C LEU B 94 -27.61 13.21 15.54
N SER B 95 -27.48 14.45 16.03
CA SER B 95 -27.85 15.62 15.24
C SER B 95 -26.91 15.79 14.05
N LYS B 96 -25.62 15.55 14.28
CA LYS B 96 -24.64 15.62 13.21
C LYS B 96 -24.89 14.50 12.20
N LEU B 97 -25.30 13.32 12.68
CA LEU B 97 -25.64 12.23 11.79
C LEU B 97 -26.86 12.59 10.94
N ASP B 98 -27.86 13.19 11.57
CA ASP B 98 -29.08 13.59 10.87
C ASP B 98 -28.77 14.60 9.79
N ALA B 99 -27.82 15.48 10.07
CA ALA B 99 -27.46 16.54 9.13
C ALA B 99 -26.38 16.14 8.12
N SER B 100 -25.92 14.88 8.18
CA SER B 100 -24.76 14.43 7.40
C SER B 100 -23.61 15.42 7.45
N SER B 101 -23.20 15.81 8.65
CA SER B 101 -22.10 16.74 8.82
C SER B 101 -20.83 16.21 8.17
N GLU B 102 -20.05 17.11 7.57
CA GLU B 102 -18.76 16.74 7.01
C GLU B 102 -17.67 16.64 8.06
N GLU B 103 -18.01 16.95 9.32
CA GLU B 103 -17.06 16.80 10.41
C GLU B 103 -16.58 15.37 10.50
N GLN B 104 -15.26 15.19 10.62
CA GLN B 104 -14.66 13.86 10.70
C GLN B 104 -14.43 13.44 12.14
N ILE B 105 -14.67 12.16 12.43
CA ILE B 105 -14.43 11.67 13.77
C ILE B 105 -13.51 10.47 13.74
N LEU B 106 -12.85 10.25 14.86
CA LEU B 106 -11.87 9.18 15.03
C LEU B 106 -12.51 7.97 15.69
N LEU B 107 -12.62 6.86 14.96
CA LEU B 107 -13.21 5.63 15.48
C LEU B 107 -12.11 4.58 15.60
N THR B 108 -11.94 4.02 16.79
CA THR B 108 -10.87 3.06 17.04
CA THR B 108 -10.88 3.05 17.01
C THR B 108 -11.42 1.79 17.69
N SER B 109 -10.85 0.65 17.31
CA SER B 109 -11.22 -0.61 17.92
C SER B 109 -10.61 -0.68 19.31
N ARG B 110 -11.15 -1.56 20.14
CA ARG B 110 -10.66 -1.74 21.51
C ARG B 110 -9.13 -1.95 21.53
N ASP B 111 -8.64 -2.82 20.65
CA ASP B 111 -7.20 -3.10 20.60
C ASP B 111 -6.37 -2.06 19.83
N ASN B 112 -7.01 -0.97 19.41
CA ASN B 112 -6.33 0.11 18.67
C ASN B 112 -5.79 -0.30 17.30
N ALA B 113 -6.12 -1.51 16.84
CA ALA B 113 -5.63 -1.97 15.54
C ALA B 113 -6.39 -1.30 14.39
N THR B 114 -7.71 -1.23 14.50
CA THR B 114 -8.51 -0.59 13.47
C THR B 114 -8.77 0.86 13.82
N VAL B 115 -8.43 1.74 12.89
CA VAL B 115 -8.65 3.18 13.07
C VAL B 115 -9.28 3.80 11.84
N PHE B 116 -10.48 4.37 12.00
CA PHE B 116 -11.15 5.07 10.92
C PHE B 116 -11.18 6.54 11.25
N VAL B 117 -10.98 7.38 10.24
CA VAL B 117 -11.21 8.82 10.35
C VAL B 117 -12.23 9.18 9.30
N VAL B 118 -13.46 9.45 9.73
CA VAL B 118 -14.58 9.36 8.83
C VAL B 118 -15.65 10.40 9.19
N SER B 119 -16.33 10.91 8.17
CA SER B 119 -17.35 11.95 8.39
C SER B 119 -18.69 11.37 8.79
N TYR B 120 -19.52 12.20 9.44
CA TYR B 120 -20.88 11.82 9.76
C TYR B 120 -21.63 11.55 8.47
N ARG B 121 -21.32 12.31 7.43
CA ARG B 121 -21.96 12.13 6.15
C ARG B 121 -21.76 10.70 5.64
N SER B 122 -20.51 10.22 5.69
CA SER B 122 -20.19 8.87 5.27
C SER B 122 -20.85 7.82 6.15
N ILE B 123 -20.86 8.06 7.46
CA ILE B 123 -21.49 7.13 8.39
C ILE B 123 -22.99 7.05 8.12
N ARG B 124 -23.63 8.20 7.92
CA ARG B 124 -25.05 8.24 7.60
C ARG B 124 -25.38 7.41 6.36
N GLN B 125 -24.59 7.61 5.30
CA GLN B 125 -24.79 6.88 4.06
C GLN B 125 -24.66 5.36 4.28
N MET B 126 -23.64 4.97 5.02
CA MET B 126 -23.40 3.57 5.35
CA MET B 126 -23.41 3.56 5.34
C MET B 126 -24.54 2.97 6.19
N LEU B 127 -25.04 3.75 7.15
CA LEU B 127 -26.13 3.28 7.98
C LEU B 127 -27.37 3.04 7.15
N ASP B 128 -27.73 4.03 6.33
CA ASP B 128 -28.96 3.93 5.55
C ASP B 128 -28.89 2.76 4.58
N ARG B 129 -27.72 2.55 3.99
CA ARG B 129 -27.54 1.44 3.05
C ARG B 129 -27.67 0.09 3.75
N ALA B 130 -27.01 -0.05 4.89
CA ALA B 130 -27.09 -1.30 5.68
C ALA B 130 -28.53 -1.62 6.08
N TYR B 131 -29.25 -0.62 6.58
CA TYR B 131 -30.65 -0.79 6.95
C TYR B 131 -31.48 -1.19 5.74
N GLY B 132 -31.27 -0.50 4.62
CA GLY B 132 -31.95 -0.81 3.38
C GLY B 132 -31.71 -2.24 2.92
N GLU B 133 -30.48 -2.70 3.03
CA GLU B 133 -30.13 -4.04 2.56
C GLU B 133 -30.80 -5.13 3.41
N LEU B 134 -31.03 -4.84 4.70
CA LEU B 134 -31.73 -5.78 5.57
C LEU B 134 -33.19 -5.96 5.17
N GLY B 135 -33.79 -4.89 4.63
CA GLY B 135 -35.16 -4.93 4.16
C GLY B 135 -35.33 -5.70 2.85
N LYS B 136 -34.23 -6.15 2.28
CA LYS B 136 -34.27 -6.93 1.06
C LYS B 136 -33.98 -8.41 1.35
O1 MES C . 15.05 -12.41 -2.41
C2 MES C . 15.06 -13.84 -2.60
C3 MES C . 14.09 -14.26 -3.68
N4 MES C . 12.82 -13.56 -3.54
C5 MES C . 13.05 -12.17 -3.32
C6 MES C . 13.81 -11.99 -2.10
C7 MES C . 12.11 -13.63 -4.80
C8 MES C . 10.62 -13.75 -4.59
S MES C . 10.00 -12.44 -5.59
O1S MES C . 11.04 -11.35 -5.47
O2S MES C . 8.65 -11.91 -5.01
O3S MES C . 9.80 -12.87 -7.04
P PO4 D . -12.59 -18.67 -0.59
O1 PO4 D . -12.13 -19.70 -1.59
O2 PO4 D . -11.46 -18.37 0.37
O3 PO4 D . -13.01 -17.41 -1.31
O4 PO4 D . -13.78 -19.20 0.18
C1 GOL E . 10.28 -19.27 -9.23
O1 GOL E . 11.08 -20.13 -10.00
C2 GOL E . 9.08 -20.02 -8.66
O2 GOL E . 9.00 -21.33 -9.19
C3 GOL E . 9.25 -20.08 -7.14
O3 GOL E . 8.32 -21.01 -6.62
#